data_2QUS
#
_entry.id   2QUS
#
_cell.length_a   27.926
_cell.length_b   53.030
_cell.length_c   71.963
_cell.angle_alpha   74.570
_cell.angle_beta   81.370
_cell.angle_gamma   75.610
#
_symmetry.space_group_name_H-M   'P 1'
#
loop_
_entity.id
_entity.type
_entity.pdbx_description
1 polymer 'Hammerhead ribozyme'
2 non-polymer 'MAGNESIUM ION'
3 water water
#
_entity_poly.entity_id   1
_entity_poly.type   'polyribonucleotide'
_entity_poly.pdbx_seq_one_letter_code
;(GTP)GGAGCCCUGUCACCGGAUGUGCUUUCCGGUCUGAUGAGUCCGUGAGGACAAAACAGGGCUCCCGAAUU
;
_entity_poly.pdbx_strand_id   A,B
#